data_4CO3
#
_entry.id   4CO3
#
_cell.length_a   85.700
_cell.length_b   85.700
_cell.length_c   67.130
_cell.angle_alpha   90.00
_cell.angle_beta   90.00
_cell.angle_gamma   120.00
#
_symmetry.space_group_name_H-M   'H 3'
#
loop_
_entity.id
_entity.type
_entity.pdbx_description
1 polymer 'PII-LIKE PROTEIN PZ'
2 non-polymer "ADENOSINE-5'-TRIPHOSPHATE"
3 water water
#
_entity_poly.entity_id   1
_entity_poly.type   'polypeptide(L)'
_entity_poly.pdbx_seq_one_letter_code
;MKLVMAIIKPFKLDEVREALTSLGIQGLTVSEVKGFGRQKGQTEIYRGAEYSVSFLPKVKVEVAVSDDQYEQVVEAIQKA
ANTGRIGDGKIFVLDIAQAVRIRTGETNTEAL
;
_entity_poly.pdbx_strand_id   A,B
#
loop_
_chem_comp.id
_chem_comp.type
_chem_comp.name
_chem_comp.formula
ATP non-polymer ADENOSINE-5'-TRIPHOSPHATE 'C10 H16 N5 O13 P3'
#
# COMPACT_ATOMS: atom_id res chain seq x y z
N MET A 1 -3.35 -8.11 4.89
CA MET A 1 -1.96 -8.50 5.26
C MET A 1 -1.01 -8.31 4.08
N LYS A 2 0.29 -8.34 4.38
CA LYS A 2 1.32 -8.16 3.36
C LYS A 2 2.38 -9.24 3.51
N LEU A 3 2.81 -9.80 2.38
CA LEU A 3 3.95 -10.69 2.37
C LEU A 3 5.18 -9.88 1.99
N VAL A 4 6.10 -9.73 2.95
CA VAL A 4 7.33 -8.99 2.70
C VAL A 4 8.45 -9.94 2.33
N MET A 5 8.96 -9.79 1.11
CA MET A 5 10.00 -10.65 0.59
C MET A 5 11.30 -9.88 0.45
N ALA A 6 12.30 -10.25 1.26
CA ALA A 6 13.57 -9.56 1.26
C ALA A 6 14.69 -10.47 0.78
N ILE A 7 15.37 -10.06 -0.28
CA ILE A 7 16.56 -10.75 -0.78
C ILE A 7 17.76 -10.02 -0.23
N ILE A 8 18.52 -10.67 0.64
CA ILE A 8 19.59 -9.99 1.38
C ILE A 8 20.91 -10.75 1.35
N LYS A 9 21.97 -10.07 1.77
CA LYS A 9 23.27 -10.70 1.94
C LYS A 9 23.18 -11.69 3.09
N PRO A 10 23.60 -12.95 2.87
CA PRO A 10 23.45 -14.01 3.87
C PRO A 10 23.96 -13.64 5.27
N PHE A 11 25.04 -12.88 5.35
CA PHE A 11 25.61 -12.52 6.65
C PHE A 11 24.81 -11.45 7.37
N LYS A 12 23.71 -11.00 6.77
CA LYS A 12 22.86 -9.98 7.36
C LYS A 12 21.62 -10.57 8.02
N LEU A 13 21.40 -11.87 7.84
CA LEU A 13 20.14 -12.50 8.23
C LEU A 13 19.80 -12.30 9.70
N ASP A 14 20.75 -12.58 10.58
CA ASP A 14 20.47 -12.53 12.01
C ASP A 14 20.26 -11.10 12.50
N GLU A 15 20.82 -10.12 11.79
CA GLU A 15 20.58 -8.71 12.10
C GLU A 15 19.16 -8.32 11.67
N VAL A 16 18.72 -8.87 10.54
CA VAL A 16 17.36 -8.63 10.07
C VAL A 16 16.35 -9.29 11.01
N ARG A 17 16.65 -10.50 11.45
CA ARG A 17 15.77 -11.24 12.34
C ARG A 17 15.64 -10.56 13.68
N GLU A 18 16.73 -9.97 14.17
CA GLU A 18 16.72 -9.24 15.41
C GLU A 18 15.88 -7.97 15.25
N ALA A 19 15.90 -7.41 14.04
CA ALA A 19 15.11 -6.23 13.75
C ALA A 19 13.63 -6.60 13.68
N LEU A 20 13.34 -7.79 13.17
CA LEU A 20 11.96 -8.27 13.09
C LEU A 20 11.42 -8.60 14.49
N THR A 21 12.19 -9.34 15.26
CA THR A 21 11.81 -9.69 16.63
C THR A 21 11.58 -8.45 17.47
N SER A 22 12.31 -7.38 17.15
CA SER A 22 12.16 -6.11 17.85
C SER A 22 10.77 -5.51 17.63
N LEU A 23 10.16 -5.84 16.50
CA LEU A 23 8.86 -5.29 16.14
C LEU A 23 7.72 -6.25 16.47
N GLY A 24 8.04 -7.39 17.07
CA GLY A 24 7.03 -8.33 17.52
C GLY A 24 6.68 -9.38 16.49
N ILE A 25 7.48 -9.47 15.43
CA ILE A 25 7.30 -10.51 14.44
C ILE A 25 7.95 -11.80 14.92
N GLY A 27 7.90 -14.79 13.64
CA GLY A 27 8.15 -15.93 12.78
C GLY A 27 8.39 -15.53 11.34
N LEU A 28 9.29 -16.24 10.67
CA LEU A 28 9.57 -15.97 9.27
C LEU A 28 10.06 -17.25 8.59
N THR A 29 10.08 -17.21 7.26
CA THR A 29 10.52 -18.36 6.49
C THR A 29 11.69 -17.96 5.58
N VAL A 30 12.77 -18.73 5.64
CA VAL A 30 14.00 -18.37 4.96
C VAL A 30 14.38 -19.40 3.89
N SER A 31 14.87 -18.91 2.76
CA SER A 31 15.29 -19.75 1.65
C SER A 31 16.69 -19.33 1.23
N GLU A 32 17.44 -20.27 0.68
CA GLU A 32 18.69 -19.94 0.03
C GLU A 32 18.43 -19.83 -1.46
N VAL A 33 18.89 -18.74 -2.06
CA VAL A 33 18.68 -18.51 -3.49
C VAL A 33 19.98 -18.06 -4.15
N LYS A 34 19.98 -18.05 -5.47
CA LYS A 34 21.12 -17.55 -6.25
C LYS A 34 20.79 -16.19 -6.84
N GLY A 35 21.72 -15.25 -6.72
CA GLY A 35 21.49 -13.91 -7.17
C GLY A 35 22.20 -13.55 -8.46
N PHE A 36 21.45 -12.93 -9.37
CA PHE A 36 22.02 -12.31 -10.56
C PHE A 36 21.69 -10.83 -10.53
N GLY A 37 22.65 -10.01 -10.94
CA GLY A 37 22.47 -8.57 -10.92
C GLY A 37 23.75 -7.85 -11.29
N ARG A 38 23.90 -6.62 -10.81
CA ARG A 38 25.06 -5.81 -11.13
C ARG A 38 26.34 -6.52 -10.72
N GLN A 39 26.36 -7.04 -9.50
CA GLN A 39 27.49 -7.84 -9.03
C GLN A 39 27.47 -9.20 -9.69
N LYS A 40 28.55 -9.54 -10.39
CA LYS A 40 28.60 -10.75 -11.19
C LYS A 40 29.62 -11.76 -10.69
N GLY A 41 29.40 -13.03 -11.00
CA GLY A 41 30.32 -14.08 -10.68
C GLY A 41 31.22 -14.41 -11.86
N GLN A 42 32.11 -15.38 -11.66
CA GLN A 42 33.03 -15.78 -12.71
C GLN A 42 32.35 -16.77 -13.63
N THR A 43 32.73 -16.75 -14.90
CA THR A 43 32.18 -17.70 -15.85
C THR A 43 33.29 -18.37 -16.63
N GLU A 44 32.91 -19.39 -17.38
CA GLU A 44 33.84 -20.16 -18.16
C GLU A 44 33.14 -20.70 -19.40
N ILE A 45 33.81 -20.64 -20.54
CA ILE A 45 33.24 -21.10 -21.79
C ILE A 45 33.33 -22.62 -21.90
N TYR A 46 32.18 -23.27 -22.04
CA TYR A 46 32.14 -24.71 -22.21
C TYR A 46 31.04 -25.09 -23.20
N ARG A 47 31.46 -25.45 -24.42
CA ARG A 47 30.53 -25.92 -25.44
C ARG A 47 29.47 -24.90 -25.85
N GLY A 48 29.91 -23.74 -26.33
CA GLY A 48 29.00 -22.75 -26.89
C GLY A 48 28.16 -22.04 -25.85
N ALA A 49 28.56 -22.13 -24.59
CA ALA A 49 27.84 -21.46 -23.51
C ALA A 49 28.82 -20.97 -22.43
N GLU A 50 28.53 -19.79 -21.90
CA GLU A 50 29.31 -19.21 -20.82
C GLU A 50 28.73 -19.68 -19.50
N TYR A 51 29.39 -20.64 -18.87
CA TYR A 51 28.87 -21.27 -17.67
C TYR A 51 29.34 -20.52 -16.43
N SER A 52 28.42 -20.29 -15.49
CA SER A 52 28.79 -19.68 -14.21
C SER A 52 29.60 -20.67 -13.40
N VAL A 53 30.80 -20.26 -13.00
CA VAL A 53 31.67 -21.11 -12.19
C VAL A 53 31.69 -20.66 -10.73
N SER A 54 31.30 -19.41 -10.49
CA SER A 54 31.05 -18.94 -9.14
C SER A 54 29.62 -18.41 -9.07
N PHE A 55 29.07 -18.35 -7.85
CA PHE A 55 27.72 -17.83 -7.67
C PHE A 55 27.62 -17.01 -6.40
N LEU A 56 26.55 -16.22 -6.34
CA LEU A 56 26.34 -15.25 -5.27
C LEU A 56 25.16 -15.66 -4.41
N PRO A 57 25.42 -16.41 -3.32
CA PRO A 57 24.35 -16.82 -2.42
C PRO A 57 23.62 -15.63 -1.82
N LYS A 58 22.30 -15.71 -1.77
CA LYS A 58 21.49 -14.73 -1.08
C LYS A 58 20.54 -15.45 -0.15
N VAL A 59 20.07 -14.75 0.88
CA VAL A 59 19.03 -15.27 1.73
C VAL A 59 17.72 -14.57 1.39
N LYS A 60 16.69 -15.35 1.13
CA LYS A 60 15.36 -14.81 0.94
C LYS A 60 14.55 -14.93 2.21
N VAL A 61 14.15 -13.79 2.76
CA VAL A 61 13.26 -13.75 3.90
C VAL A 61 11.84 -13.46 3.43
N GLU A 62 10.92 -14.36 3.78
CA GLU A 62 9.51 -14.16 3.50
C GLU A 62 8.77 -14.13 4.82
N VAL A 63 8.13 -12.99 5.09
CA VAL A 63 7.43 -12.78 6.35
C VAL A 63 6.08 -12.09 6.12
N ALA A 64 5.03 -12.73 6.61
CA ALA A 64 3.67 -12.17 6.51
C ALA A 64 3.41 -11.26 7.71
N VAL A 65 2.90 -10.07 7.42
CA VAL A 65 2.65 -9.09 8.47
C VAL A 65 1.32 -8.38 8.23
N SER A 66 0.81 -7.74 9.27
CA SER A 66 -0.41 -6.95 9.17
C SER A 66 -0.12 -5.64 8.44
N ASP A 67 -1.14 -5.08 7.82
CA ASP A 67 -0.98 -3.83 7.10
C ASP A 67 -0.48 -2.72 8.01
N ASP A 68 -0.85 -2.78 9.29
CA ASP A 68 -0.51 -1.72 10.24
C ASP A 68 0.93 -1.81 10.75
N GLN A 69 1.70 -2.78 10.27
CA GLN A 69 3.11 -2.87 10.65
C GLN A 69 4.07 -3.13 9.48
N TYR A 70 3.53 -3.26 8.26
CA TYR A 70 4.38 -3.65 7.13
C TYR A 70 5.36 -2.56 6.74
N GLU A 71 4.95 -1.30 6.83
CA GLU A 71 5.85 -0.20 6.51
C GLU A 71 7.03 -0.18 7.49
N GLN A 72 6.75 -0.35 8.77
CA GLN A 72 7.80 -0.39 9.78
C GLN A 72 8.70 -1.59 9.56
N VAL A 73 8.11 -2.71 9.15
CA VAL A 73 8.85 -3.93 8.86
C VAL A 73 9.76 -3.75 7.64
N VAL A 74 9.24 -3.13 6.58
CA VAL A 74 10.03 -2.88 5.39
C VAL A 74 11.26 -2.02 5.73
N GLU A 75 11.06 -0.98 6.54
CA GLU A 75 12.15 -0.08 6.87
C GLU A 75 13.18 -0.74 7.78
N ALA A 76 12.71 -1.57 8.71
CA ALA A 76 13.59 -2.26 9.63
C ALA A 76 14.48 -3.26 8.90
N ILE A 77 13.88 -4.01 7.97
CA ILE A 77 14.64 -4.95 7.16
C ILE A 77 15.65 -4.20 6.30
N GLN A 78 15.21 -3.08 5.72
CA GLN A 78 16.06 -2.31 4.83
C GLN A 78 17.25 -1.72 5.56
N LYS A 79 17.02 -1.27 6.80
CA LYS A 79 18.10 -0.69 7.61
C LYS A 79 19.00 -1.78 8.20
N ALA A 80 18.44 -2.94 8.49
CA ALA A 80 19.21 -4.03 9.07
C ALA A 80 19.98 -4.79 7.99
N ALA A 81 19.51 -4.72 6.75
CA ALA A 81 20.12 -5.44 5.65
C ALA A 81 21.11 -4.56 4.89
N ASN A 82 21.07 -3.26 5.19
CA ASN A 82 21.89 -2.30 4.45
C ASN A 82 23.37 -2.31 4.82
N THR A 83 24.21 -2.22 3.80
CA THR A 83 25.65 -2.05 3.97
C THR A 83 26.14 -0.84 3.18
N GLY A 84 25.38 -0.43 2.16
CA GLY A 84 25.80 0.64 1.28
C GLY A 84 26.67 0.15 0.15
N ARG A 85 26.92 -1.15 0.12
CA ARG A 85 27.77 -1.76 -0.91
C ARG A 85 26.93 -2.54 -1.90
N ILE A 86 27.52 -2.84 -3.05
CA ILE A 86 26.81 -3.53 -4.12
C ILE A 86 26.39 -4.93 -3.68
N GLY A 87 25.22 -5.36 -4.13
CA GLY A 87 24.70 -6.68 -3.80
C GLY A 87 23.79 -6.68 -2.59
N ASP A 88 23.39 -5.50 -2.14
CA ASP A 88 22.55 -5.36 -0.94
C ASP A 88 21.18 -6.03 -1.09
N GLY A 89 20.61 -5.97 -2.29
CA GLY A 89 19.38 -6.68 -2.57
C GLY A 89 18.13 -5.83 -2.59
N LYS A 90 16.98 -6.50 -2.52
CA LYS A 90 15.71 -5.86 -2.74
C LYS A 90 14.66 -6.32 -1.74
N ILE A 91 13.64 -5.49 -1.55
CA ILE A 91 12.47 -5.87 -0.76
C ILE A 91 11.25 -5.71 -1.63
N PHE A 92 10.46 -6.77 -1.76
CA PHE A 92 9.20 -6.71 -2.51
C PHE A 92 8.07 -7.00 -1.55
N VAL A 93 7.07 -6.12 -1.54
CA VAL A 93 5.91 -6.30 -0.71
C VAL A 93 4.74 -6.73 -1.60
N LEU A 94 4.11 -7.83 -1.23
CA LEU A 94 2.96 -8.34 -1.96
C LEU A 94 1.77 -8.39 -1.05
N ASP A 95 0.59 -8.17 -1.60
CA ASP A 95 -0.64 -8.22 -0.83
C ASP A 95 -1.03 -9.67 -0.55
N ILE A 96 -1.53 -9.92 0.64
CA ILE A 96 -2.04 -11.23 1.01
C ILE A 96 -3.55 -11.18 1.00
N ALA A 97 -4.17 -11.95 0.11
CA ALA A 97 -5.62 -11.95 0.00
C ALA A 97 -6.23 -12.63 1.23
N GLN A 98 -5.54 -13.63 1.76
CA GLN A 98 -6.03 -14.39 2.89
C GLN A 98 -4.90 -15.18 3.52
N ALA A 99 -4.89 -15.26 4.85
CA ALA A 99 -3.89 -16.04 5.56
C ALA A 99 -4.58 -16.99 6.53
N VAL A 100 -3.97 -18.15 6.74
CA VAL A 100 -4.52 -19.16 7.64
C VAL A 100 -3.44 -19.72 8.56
N ARG A 101 -3.77 -19.88 9.83
CA ARG A 101 -2.91 -20.54 10.79
C ARG A 101 -3.26 -22.02 10.78
N ILE A 102 -2.36 -22.86 10.30
CA ILE A 102 -2.67 -24.26 10.08
C ILE A 102 -2.98 -25.00 11.38
N ARG A 103 -2.35 -24.57 12.47
CA ARG A 103 -2.44 -25.28 13.74
C ARG A 103 -3.86 -25.26 14.32
N THR A 104 -4.55 -24.15 14.11
CA THR A 104 -5.89 -23.96 14.65
C THR A 104 -6.97 -23.87 13.56
N GLY A 105 -6.60 -23.34 12.40
CA GLY A 105 -7.53 -23.21 11.28
C GLY A 105 -8.02 -21.79 11.11
N MET B 1 -0.16 3.33 -8.14
CA MET B 1 -1.21 4.37 -8.24
C MET B 1 -2.44 3.94 -7.46
N LYS B 2 -3.13 4.92 -6.90
CA LYS B 2 -4.26 4.65 -6.01
C LYS B 2 -5.44 5.56 -6.30
N LEU B 3 -6.64 5.02 -6.22
CA LEU B 3 -7.85 5.84 -6.28
C LEU B 3 -8.35 6.04 -4.86
N VAL B 4 -8.27 7.28 -4.39
CA VAL B 4 -8.79 7.61 -3.08
C VAL B 4 -10.24 8.05 -3.24
N MET B 5 -11.14 7.30 -2.63
CA MET B 5 -12.57 7.59 -2.66
C MET B 5 -13.01 8.14 -1.30
N ALA B 6 -13.47 9.38 -1.28
CA ALA B 6 -13.90 10.01 -0.03
C ALA B 6 -15.38 10.38 -0.07
N ILE B 7 -16.12 9.87 0.89
CA ILE B 7 -17.53 10.22 1.07
C ILE B 7 -17.63 11.24 2.21
N ILE B 8 -17.97 12.48 1.87
CA ILE B 8 -17.89 13.59 2.81
C ILE B 8 -19.20 14.38 2.90
N LYS B 9 -19.30 15.20 3.94
CA LYS B 9 -20.41 16.14 4.05
C LYS B 9 -20.30 17.17 2.95
N PRO B 10 -21.40 17.41 2.22
CA PRO B 10 -21.35 18.23 1.01
C PRO B 10 -20.65 19.58 1.18
N PHE B 11 -20.88 20.27 2.28
CA PHE B 11 -20.27 21.59 2.48
C PHE B 11 -18.76 21.52 2.66
N LYS B 12 -18.21 20.31 2.77
CA LYS B 12 -16.78 20.11 2.96
C LYS B 12 -15.98 20.00 1.66
N LEU B 13 -16.66 20.07 0.52
CA LEU B 13 -16.00 19.86 -0.77
C LEU B 13 -14.93 20.90 -1.06
N ASP B 14 -15.26 22.17 -0.83
CA ASP B 14 -14.36 23.26 -1.17
C ASP B 14 -13.11 23.25 -0.27
N GLU B 15 -13.31 22.95 1.01
CA GLU B 15 -12.20 22.84 1.94
C GLU B 15 -11.27 21.68 1.57
N VAL B 16 -11.87 20.58 1.11
CA VAL B 16 -11.11 19.41 0.66
C VAL B 16 -10.38 19.73 -0.64
N ARG B 17 -11.03 20.47 -1.52
CA ARG B 17 -10.40 20.89 -2.77
C ARG B 17 -9.16 21.72 -2.50
N GLU B 18 -9.20 22.56 -1.46
CA GLU B 18 -8.08 23.43 -1.15
C GLU B 18 -6.87 22.63 -0.65
N ALA B 19 -7.13 21.67 0.23
CA ALA B 19 -6.06 20.83 0.76
C ALA B 19 -5.36 20.03 -0.33
N LEU B 20 -6.13 19.56 -1.30
CA LEU B 20 -5.58 18.80 -2.42
C LEU B 20 -4.70 19.67 -3.29
N THR B 21 -5.14 20.91 -3.49
CA THR B 21 -4.43 21.86 -4.34
C THR B 21 -3.06 22.21 -3.75
N SER B 22 -2.99 22.26 -2.43
CA SER B 22 -1.73 22.53 -1.75
C SER B 22 -0.73 21.39 -1.94
N LEU B 23 -1.24 20.20 -2.27
CA LEU B 23 -0.40 19.04 -2.47
C LEU B 23 -0.02 18.88 -3.94
N GLY B 24 -0.48 19.79 -4.78
CA GLY B 24 -0.14 19.77 -6.19
C GLY B 24 -1.19 19.10 -7.06
N ILE B 25 -2.19 18.50 -6.43
CA ILE B 25 -3.20 17.75 -7.17
C ILE B 25 -4.11 18.70 -7.93
N GLY B 27 -6.37 17.29 -10.31
CA GLY B 27 -7.80 17.42 -10.33
C GLY B 27 -8.51 16.36 -9.52
N LEU B 28 -9.84 16.35 -9.61
CA LEU B 28 -10.65 15.35 -8.94
C LEU B 28 -12.01 15.23 -9.63
N THR B 29 -12.73 14.16 -9.31
CA THR B 29 -14.05 13.92 -9.87
C THR B 29 -15.06 13.75 -8.75
N VAL B 30 -16.17 14.46 -8.84
CA VAL B 30 -17.12 14.53 -7.74
C VAL B 30 -18.52 14.04 -8.14
N SER B 31 -19.08 13.18 -7.30
CA SER B 31 -20.40 12.60 -7.52
C SER B 31 -21.33 12.98 -6.38
N GLU B 32 -22.63 12.99 -6.65
CA GLU B 32 -23.63 13.20 -5.63
C GLU B 32 -24.14 11.83 -5.19
N VAL B 33 -24.25 11.63 -3.88
CA VAL B 33 -24.73 10.36 -3.36
C VAL B 33 -25.62 10.58 -2.16
N LYS B 34 -26.36 9.53 -1.81
CA LYS B 34 -27.13 9.51 -0.58
C LYS B 34 -26.46 8.55 0.39
N GLY B 35 -26.48 8.90 1.66
CA GLY B 35 -25.82 8.09 2.67
C GLY B 35 -26.78 7.48 3.66
N PHE B 36 -26.43 6.28 4.11
CA PHE B 36 -27.13 5.65 5.21
C PHE B 36 -26.09 5.16 6.22
N GLY B 37 -26.42 5.22 7.51
CA GLY B 37 -25.48 4.83 8.55
C GLY B 37 -26.00 5.12 9.94
N ARG B 38 -25.13 5.63 10.80
CA ARG B 38 -25.49 5.96 12.18
C ARG B 38 -26.42 7.18 12.22
N GLN B 39 -26.15 8.16 11.39
CA GLN B 39 -27.06 9.28 11.23
C GLN B 39 -28.23 8.82 10.37
N LYS B 40 -29.44 8.95 10.90
CA LYS B 40 -30.64 8.47 10.21
C LYS B 40 -31.60 9.61 9.87
N GLY B 41 -32.31 9.47 8.76
CA GLY B 41 -33.31 10.43 8.35
C GLY B 41 -34.66 10.03 8.88
N GLN B 42 -35.68 10.84 8.59
CA GLN B 42 -37.03 10.55 9.06
C GLN B 42 -37.70 9.56 8.13
N THR B 43 -38.67 8.83 8.67
CA THR B 43 -39.41 7.85 7.88
C THR B 43 -40.90 8.04 8.12
N GLU B 44 -41.71 7.27 7.40
CA GLU B 44 -43.16 7.38 7.50
C GLU B 44 -43.81 6.14 6.88
N ILE B 45 -44.90 5.71 7.49
CA ILE B 45 -45.62 4.52 7.03
C ILE B 45 -46.69 4.87 6.01
N TYR B 46 -46.67 4.18 4.88
CA TYR B 46 -47.66 4.38 3.82
C TYR B 46 -48.17 3.03 3.31
N ARG B 47 -47.26 2.18 2.85
CA ARG B 47 -47.62 0.87 2.34
C ARG B 47 -48.68 0.19 3.19
N GLU B 50 -41.94 1.03 5.81
CA GLU B 50 -41.72 2.46 6.01
C GLU B 50 -40.73 3.01 4.99
N TYR B 51 -41.11 4.11 4.35
CA TYR B 51 -40.25 4.76 3.38
C TYR B 51 -39.46 5.88 4.04
N SER B 52 -38.28 6.17 3.48
CA SER B 52 -37.46 7.27 3.95
C SER B 52 -38.05 8.61 3.47
N VAL B 53 -38.25 9.52 4.41
CA VAL B 53 -38.86 10.81 4.15
C VAL B 53 -37.80 11.88 3.92
N SER B 54 -36.71 11.78 4.66
CA SER B 54 -35.58 12.67 4.45
C SER B 54 -34.34 11.81 4.17
N PHE B 55 -33.39 12.41 3.46
CA PHE B 55 -32.17 11.72 3.09
C PHE B 55 -30.97 12.58 3.42
N LEU B 56 -29.83 11.92 3.65
CA LEU B 56 -28.59 12.58 4.02
C LEU B 56 -27.64 12.63 2.82
N PRO B 57 -27.62 13.76 2.09
CA PRO B 57 -26.75 13.86 0.92
C PRO B 57 -25.28 13.92 1.29
N LYS B 58 -24.45 13.26 0.49
CA LYS B 58 -23.02 13.34 0.65
C LYS B 58 -22.37 13.66 -0.69
N VAL B 59 -21.11 14.09 -0.62
CA VAL B 59 -20.30 14.26 -1.81
C VAL B 59 -19.25 13.16 -1.88
N LYS B 60 -19.11 12.56 -3.05
CA LYS B 60 -18.16 11.47 -3.26
C LYS B 60 -17.01 11.96 -4.11
N VAL B 61 -15.87 12.17 -3.46
CA VAL B 61 -14.67 12.62 -4.14
C VAL B 61 -13.87 11.41 -4.59
N GLU B 62 -13.47 11.40 -5.86
CA GLU B 62 -12.60 10.36 -6.38
C GLU B 62 -11.39 10.99 -7.02
N VAL B 63 -10.22 10.77 -6.42
CA VAL B 63 -8.98 11.32 -6.93
C VAL B 63 -7.92 10.24 -7.10
N ALA B 64 -7.39 10.16 -8.32
CA ALA B 64 -6.31 9.24 -8.65
C ALA B 64 -4.98 9.90 -8.34
N VAL B 65 -4.14 9.22 -7.58
CA VAL B 65 -2.86 9.77 -7.18
C VAL B 65 -1.82 8.65 -7.17
N SER B 66 -0.54 9.02 -7.07
CA SER B 66 0.52 8.03 -7.04
C SER B 66 0.63 7.40 -5.66
N ASP B 67 1.30 6.25 -5.59
CA ASP B 67 1.47 5.55 -4.32
C ASP B 67 2.28 6.40 -3.35
N ASP B 68 3.21 7.17 -3.88
CA ASP B 68 4.09 7.97 -3.05
C ASP B 68 3.35 9.08 -2.31
N GLN B 69 2.25 9.57 -2.88
CA GLN B 69 1.53 10.70 -2.29
C GLN B 69 0.15 10.34 -1.74
N TYR B 70 -0.27 9.09 -1.89
CA TYR B 70 -1.63 8.71 -1.52
C TYR B 70 -1.88 8.87 -0.02
N GLU B 71 -0.89 8.57 0.80
CA GLU B 71 -1.06 8.71 2.26
C GLU B 71 -1.19 10.19 2.67
N GLN B 72 -0.42 11.06 2.02
CA GLN B 72 -0.54 12.50 2.24
C GLN B 72 -1.97 12.92 1.93
N VAL B 73 -2.47 12.41 0.81
CA VAL B 73 -3.79 12.76 0.30
C VAL B 73 -4.89 12.29 1.25
N VAL B 74 -4.80 11.06 1.72
CA VAL B 74 -5.78 10.55 2.66
C VAL B 74 -5.83 11.43 3.91
N GLU B 75 -4.65 11.71 4.46
CA GLU B 75 -4.54 12.53 5.67
C GLU B 75 -5.06 13.94 5.44
N ALA B 76 -4.74 14.51 4.28
CA ALA B 76 -5.19 15.86 3.96
C ALA B 76 -6.71 15.90 3.86
N ILE B 77 -7.28 14.89 3.21
CA ILE B 77 -8.71 14.81 3.01
C ILE B 77 -9.42 14.59 4.33
N GLN B 78 -8.91 13.67 5.14
CA GLN B 78 -9.51 13.37 6.42
C GLN B 78 -9.57 14.61 7.30
N LYS B 79 -8.50 15.39 7.30
CA LYS B 79 -8.45 16.58 8.15
C LYS B 79 -9.38 17.67 7.62
N ALA B 80 -9.43 17.83 6.31
CA ALA B 80 -10.25 18.87 5.70
C ALA B 80 -11.74 18.55 5.83
N ALA B 81 -12.08 17.28 5.72
CA ALA B 81 -13.48 16.86 5.77
C ALA B 81 -13.99 16.65 7.19
N ASN B 82 -13.09 16.71 8.16
CA ASN B 82 -13.41 16.37 9.54
C ASN B 82 -14.17 17.48 10.27
N THR B 83 -15.20 17.09 11.02
CA THR B 83 -15.92 18.02 11.88
C THR B 83 -16.00 17.50 13.32
N GLY B 84 -15.82 16.20 13.51
CA GLY B 84 -15.94 15.60 14.83
C GLY B 84 -17.39 15.33 15.21
N ARG B 85 -18.29 15.55 14.26
CA ARG B 85 -19.71 15.29 14.47
C ARG B 85 -20.14 14.09 13.64
N ILE B 86 -21.17 13.38 14.12
CA ILE B 86 -21.70 12.23 13.41
C ILE B 86 -22.01 12.58 11.95
N GLY B 87 -21.78 11.62 11.06
CA GLY B 87 -22.04 11.80 9.65
C GLY B 87 -20.84 12.21 8.80
N ASP B 88 -19.67 12.31 9.42
CA ASP B 88 -18.49 12.83 8.72
C ASP B 88 -18.12 12.05 7.46
N GLY B 89 -18.21 10.72 7.53
CA GLY B 89 -18.01 9.90 6.35
C GLY B 89 -16.81 8.97 6.37
N LYS B 90 -16.35 8.60 5.17
CA LYS B 90 -15.39 7.53 5.00
C LYS B 90 -14.41 7.82 3.88
N ILE B 91 -13.20 7.27 4.00
CA ILE B 91 -12.25 7.27 2.89
C ILE B 91 -11.86 5.83 2.57
N PHE B 92 -12.06 5.44 1.32
CA PHE B 92 -11.66 4.12 0.86
C PHE B 92 -10.62 4.27 -0.24
N VAL B 93 -9.48 3.62 -0.05
CA VAL B 93 -8.41 3.67 -1.04
C VAL B 93 -8.40 2.35 -1.82
N LEU B 94 -8.52 2.46 -3.15
CA LEU B 94 -8.48 1.30 -4.03
C LEU B 94 -7.20 1.32 -4.86
N ASP B 95 -6.73 0.15 -5.25
CA ASP B 95 -5.60 0.06 -6.16
C ASP B 95 -6.05 0.35 -7.59
N ILE B 96 -5.22 1.09 -8.32
CA ILE B 96 -5.44 1.28 -9.75
C ILE B 96 -4.44 0.40 -10.50
N ALA B 97 -4.95 -0.47 -11.36
CA ALA B 97 -4.10 -1.39 -12.10
C ALA B 97 -3.44 -0.66 -13.27
N GLN B 98 -4.11 0.36 -13.78
CA GLN B 98 -3.60 1.13 -14.90
C GLN B 98 -4.42 2.40 -15.07
N ALA B 99 -3.77 3.49 -15.48
CA ALA B 99 -4.45 4.75 -15.73
C ALA B 99 -4.04 5.33 -17.08
N VAL B 100 -4.98 6.03 -17.71
CA VAL B 100 -4.73 6.62 -19.01
C VAL B 100 -5.26 8.05 -19.05
N ARG B 101 -4.47 8.96 -19.63
CA ARG B 101 -4.95 10.30 -19.94
C ARG B 101 -5.61 10.24 -21.32
N ILE B 102 -6.88 10.58 -21.39
CA ILE B 102 -7.62 10.41 -22.63
C ILE B 102 -7.12 11.37 -23.71
N ARG B 103 -6.74 12.58 -23.31
CA ARG B 103 -6.34 13.60 -24.26
C ARG B 103 -5.09 13.22 -25.05
N THR B 104 -4.10 12.67 -24.35
CA THR B 104 -2.80 12.33 -24.94
C THR B 104 -2.67 10.82 -25.21
N GLY B 105 -3.43 10.02 -24.50
CA GLY B 105 -3.34 8.57 -24.62
C GLY B 105 -2.23 7.99 -23.78
N GLU B 106 -1.61 8.82 -22.96
CA GLU B 106 -0.51 8.39 -22.10
C GLU B 106 -0.99 7.45 -21.02
N THR B 107 -0.15 6.49 -20.67
CA THR B 107 -0.43 5.56 -19.59
C THR B 107 0.57 5.78 -18.45
N ASN B 108 0.19 5.37 -17.26
CA ASN B 108 1.08 5.41 -16.11
C ASN B 108 2.26 4.45 -16.33
PG ATP C . 0.94 -20.57 15.70
O1G ATP C . 0.81 -20.34 17.17
O2G ATP C . 0.90 -19.30 14.93
O3G ATP C . -0.01 -21.59 15.19
PB ATP C . 2.79 -22.48 14.60
O1B ATP C . 2.14 -23.69 15.17
O2B ATP C . 2.60 -22.21 13.15
O3B ATP C . 2.39 -21.20 15.47
PA ATP C . 5.55 -21.51 14.59
O1A ATP C . 5.25 -20.17 15.15
O2A ATP C . 6.85 -22.13 14.96
O3A ATP C . 4.37 -22.55 14.92
O5' ATP C . 5.47 -21.44 12.98
C5' ATP C . 5.80 -22.57 12.18
C4' ATP C . 6.39 -22.10 10.85
O4' ATP C . 5.57 -21.08 10.30
C3' ATP C . 7.73 -21.39 11.04
O3' ATP C . 8.84 -22.29 11.22
C2' ATP C . 7.83 -20.51 9.80
O2' ATP C . 8.37 -21.23 8.68
C1' ATP C . 6.37 -20.18 9.53
N9 ATP C . 6.01 -18.80 9.92
C8 ATP C . 5.65 -18.42 11.17
N7 ATP C . 5.36 -17.11 11.23
C5 ATP C . 5.57 -16.67 9.93
C6 ATP C . 5.43 -15.39 9.33
N6 ATP C . 5.05 -14.27 9.99
N1 ATP C . 5.71 -15.30 8.01
C2 ATP C . 6.10 -16.40 7.33
N3 ATP C . 6.25 -17.64 7.81
C4 ATP C . 5.96 -17.68 9.12
H5'1 ATP C . 4.91 -23.16 12.00
H5'2 ATP C . 6.53 -23.19 12.71
H4' ATP C . 6.50 -22.95 10.16
H3' ATP C . 7.65 -20.74 11.92
HO3' ATP C . 9.65 -21.77 11.33
H2' ATP C . 8.40 -19.60 10.02
HO2' ATP C . 9.26 -21.52 8.88
H1' ATP C . 6.17 -20.33 8.46
H8 ATP C . 5.59 -19.10 12.02
HN61 ATP C . 4.98 -13.38 9.50
HN62 ATP C . 4.84 -14.31 10.99
H2 ATP C . 6.31 -16.25 6.27
PG ATP D . -4.61 16.11 -18.89
O1G ATP D . -4.67 15.58 -20.27
O2G ATP D . -3.46 17.02 -18.66
O3G ATP D . -4.67 15.05 -17.85
PB ATP D . -7.42 16.84 -19.30
O1B ATP D . -7.40 17.24 -20.73
O2B ATP D . -7.99 15.52 -18.94
O3B ATP D . -5.93 17.01 -18.68
PA ATP D . -8.45 18.23 -16.90
O1A ATP D . -9.38 19.37 -16.78
O2A ATP D . -7.16 18.32 -16.17
O3A ATP D . -8.21 17.99 -18.49
O5' ATP D . -9.21 16.86 -16.49
C5' ATP D . -10.44 16.49 -17.08
C4' ATP D . -11.26 15.69 -16.07
O4' ATP D . -10.50 14.58 -15.60
C3' ATP D . -11.55 16.50 -14.81
O3' ATP D . -12.63 17.42 -14.96
C2' ATP D . -11.73 15.41 -13.75
O2' ATP D . -13.09 14.94 -13.71
C1' ATP D . -10.84 14.29 -14.26
N9 ATP D . -9.59 14.17 -13.48
C8 ATP D . -8.45 14.86 -13.73
N7 ATP D . -7.46 14.53 -12.88
C5 ATP D . -8.05 13.58 -12.05
C6 ATP D . -7.56 12.82 -10.96
N6 ATP D . -6.31 12.93 -10.46
N1 ATP D . -8.42 11.96 -10.38
C2 ATP D . -9.69 11.82 -10.83
N3 ATP D . -10.23 12.49 -11.86
C4 ATP D . -9.33 13.34 -12.42
H5'1 ATP D . -10.99 17.37 -17.39
H5'2 ATP D . -10.24 15.87 -17.97
H4' ATP D . -12.20 15.35 -16.54
H3' ATP D . -10.64 17.06 -14.56
HO3' ATP D . -12.77 17.90 -14.14
H2' ATP D . -11.40 15.76 -12.77
HO2' ATP D . -13.67 15.68 -13.47
H1' ATP D . -11.40 13.34 -14.21
H8 ATP D . -8.34 15.59 -14.53
HN61 ATP D . -5.65 13.57 -10.88
HN62 ATP D . -6.03 12.35 -9.68
H2 ATP D . -10.32 11.11 -10.32
#